data_7PCU
#
_entry.id   7PCU
#
_cell.length_a   120.260
_cell.length_b   120.260
_cell.length_c   78.775
_cell.angle_alpha   90.000
_cell.angle_beta   90.000
_cell.angle_gamma   90.000
#
_symmetry.space_group_name_H-M   'P 43 21 2'
#
loop_
_entity.id
_entity.type
_entity.pdbx_description
1 polymer 'YTH domain-containing family protein 1'
2 non-polymer N-phenyl-2-selanylbenzamide
3 water water
#
_entity_poly.entity_id   1
_entity_poly.type   'polypeptide(L)'
_entity_poly.pdbx_seq_one_letter_code
;GSVESHPVLEKLKAAHSYNPKEFEWNLKSGRVFIIKSYSEDDIHRSIKYSIWCSTEHGNKRLDSAFRCMSSKGPVYLLFS
VNGSGHFCGVAEMKSPVDYGTSAGVWSQDKWKGKFDVQWIFVKDVPNNQLRHIRLENNDNKPVTNSRDTQEVPLEKAKQV
LKIISSYKHTTSIFDDFAHYEKRQAVVEVVRKERQSRNKQ
;
_entity_poly.pdbx_strand_id   A,B
#
loop_
_chem_comp.id
_chem_comp.type
_chem_comp.name
_chem_comp.formula
9JT non-polymer N-phenyl-2-selanylbenzamide 'C13 H11 N O Se'
#
# COMPACT_ATOMS: atom_id res chain seq x y z
N GLU A 4 7.18 30.36 -2.21
CA GLU A 4 6.21 29.92 -3.20
C GLU A 4 5.23 28.90 -2.63
N SER A 5 3.94 29.16 -2.79
CA SER A 5 2.91 28.22 -2.38
C SER A 5 2.08 27.80 -3.58
N HIS A 6 1.55 26.60 -3.51
CA HIS A 6 0.82 25.99 -4.60
C HIS A 6 -0.62 26.49 -4.62
N PRO A 7 -1.19 26.74 -5.79
CA PRO A 7 -2.58 27.26 -5.83
C PRO A 7 -3.63 26.25 -5.41
N VAL A 8 -3.37 24.94 -5.57
CA VAL A 8 -4.33 23.95 -5.07
C VAL A 8 -4.39 24.05 -3.54
N LEU A 9 -3.23 24.12 -2.90
CA LEU A 9 -3.19 24.22 -1.45
C LEU A 9 -3.85 25.51 -0.99
N GLU A 10 -3.68 26.61 -1.73
CA GLU A 10 -4.32 27.86 -1.35
C GLU A 10 -5.83 27.75 -1.44
N LYS A 11 -6.36 27.11 -2.50
CA LYS A 11 -7.80 26.91 -2.58
C LYS A 11 -8.32 26.08 -1.42
N LEU A 12 -7.61 25.00 -1.09
CA LEU A 12 -8.00 24.18 0.06
C LEU A 12 -7.98 25.00 1.35
N LYS A 13 -6.89 25.74 1.58
CA LYS A 13 -6.77 26.53 2.81
C LYS A 13 -7.88 27.56 2.92
N ALA A 14 -8.27 28.17 1.80
CA ALA A 14 -9.31 29.20 1.86
C ALA A 14 -10.70 28.60 2.04
N ALA A 15 -10.92 27.36 1.56
CA ALA A 15 -12.24 26.76 1.60
C ALA A 15 -12.50 25.94 2.86
N HIS A 16 -11.48 25.66 3.66
CA HIS A 16 -11.61 24.81 4.82
C HIS A 16 -10.83 25.45 5.96
N SER A 17 -11.23 25.13 7.18
CA SER A 17 -10.64 25.73 8.37
C SER A 17 -9.77 24.66 9.03
N TYR A 18 -8.61 24.41 8.45
CA TYR A 18 -7.74 23.38 9.01
C TYR A 18 -7.20 23.82 10.37
N ASN A 19 -7.00 22.85 11.24
CA ASN A 19 -6.50 23.05 12.60
C ASN A 19 -7.26 24.15 13.35
N PRO A 20 -8.56 23.97 13.57
CA PRO A 20 -9.34 25.04 14.21
C PRO A 20 -8.93 25.25 15.66
N LYS A 21 -8.96 26.52 16.09
CA LYS A 21 -8.53 26.83 17.44
C LYS A 21 -9.56 26.35 18.46
N GLU A 22 -10.84 26.41 18.10
CA GLU A 22 -11.91 25.93 18.96
C GLU A 22 -12.38 24.61 18.39
N PHE A 23 -11.87 23.52 18.94
CA PHE A 23 -12.28 22.17 18.55
C PHE A 23 -12.73 21.45 19.80
N GLU A 24 -13.90 20.83 19.75
CA GLU A 24 -14.45 20.15 20.92
C GLU A 24 -13.85 18.75 20.98
N TRP A 25 -12.85 18.57 21.84
CA TRP A 25 -12.20 17.27 22.04
C TRP A 25 -12.89 16.41 23.10
N ASN A 26 -13.68 17.01 23.99
CA ASN A 26 -14.39 16.27 25.03
C ASN A 26 -15.78 15.95 24.51
N LEU A 27 -15.89 14.84 23.77
CA LEU A 27 -17.08 14.59 22.98
C LEU A 27 -18.22 14.11 23.86
N LYS A 28 -19.44 14.58 23.53
CA LYS A 28 -20.62 13.97 24.16
C LYS A 28 -20.84 12.55 23.66
N SER A 29 -20.38 12.25 22.44
CA SER A 29 -20.57 10.96 21.80
C SER A 29 -19.65 10.89 20.60
N GLY A 30 -19.71 9.76 19.91
CA GLY A 30 -18.92 9.50 18.72
C GLY A 30 -17.98 8.32 18.89
N ARG A 31 -17.31 7.98 17.79
CA ARG A 31 -16.39 6.85 17.75
C ARG A 31 -15.15 7.27 16.97
N VAL A 32 -14.00 6.72 17.36
CA VAL A 32 -12.71 7.12 16.82
C VAL A 32 -11.94 5.88 16.37
N PHE A 33 -11.25 5.99 15.24
CA PHE A 33 -10.56 4.88 14.60
C PHE A 33 -9.20 5.35 14.10
N ILE A 34 -8.22 4.45 14.17
CA ILE A 34 -6.90 4.66 13.62
C ILE A 34 -6.91 4.22 12.16
N ILE A 35 -6.45 5.10 11.28
CA ILE A 35 -6.20 4.76 9.89
C ILE A 35 -4.69 4.68 9.70
N LYS A 36 -4.22 3.57 9.16
CA LYS A 36 -2.82 3.39 8.79
C LYS A 36 -2.75 3.45 7.28
N SER A 37 -2.06 4.45 6.75
CA SER A 37 -1.95 4.64 5.32
C SER A 37 -0.64 4.06 4.83
N TYR A 38 -0.64 3.55 3.60
CA TYR A 38 0.60 2.97 3.09
C TYR A 38 1.61 4.05 2.74
N SER A 39 1.16 5.26 2.38
CA SER A 39 2.10 6.29 1.96
C SER A 39 1.54 7.68 2.19
N GLU A 40 2.46 8.64 2.23
CA GLU A 40 2.07 10.04 2.28
C GLU A 40 1.29 10.44 1.02
N ASP A 41 1.62 9.85 -0.13
CA ASP A 41 0.91 10.14 -1.37
C ASP A 41 -0.60 9.95 -1.20
N ASP A 42 -0.99 8.86 -0.54
CA ASP A 42 -2.41 8.63 -0.31
C ASP A 42 -3.01 9.73 0.55
N ILE A 43 -2.27 10.19 1.56
CA ILE A 43 -2.77 11.26 2.41
C ILE A 43 -2.97 12.53 1.60
N HIS A 44 -1.99 12.87 0.76
CA HIS A 44 -2.11 14.06 -0.06
C HIS A 44 -3.35 13.97 -0.96
N ARG A 45 -3.52 12.82 -1.63
CA ARG A 45 -4.69 12.66 -2.49
C ARG A 45 -5.98 12.78 -1.67
N SER A 46 -6.00 12.18 -0.48
CA SER A 46 -7.18 12.21 0.36
C SER A 46 -7.52 13.63 0.82
N ILE A 47 -6.50 14.43 1.14
CA ILE A 47 -6.77 15.78 1.62
C ILE A 47 -7.32 16.65 0.50
N LYS A 48 -6.79 16.49 -0.72
CA LYS A 48 -7.29 17.38 -1.76
C LYS A 48 -8.60 16.89 -2.37
N TYR A 49 -8.94 15.61 -2.28
CA TYR A 49 -10.18 15.14 -2.87
C TYR A 49 -11.26 14.76 -1.86
N SER A 50 -10.94 14.79 -0.55
CA SER A 50 -11.90 14.52 0.53
C SER A 50 -12.51 13.13 0.41
N ILE A 51 -11.64 12.13 0.23
CA ILE A 51 -12.05 10.76 -0.04
C ILE A 51 -11.04 9.84 0.63
N TRP A 52 -11.50 8.66 1.05
CA TRP A 52 -10.60 7.65 1.59
C TRP A 52 -11.14 6.27 1.26
N CYS A 53 -10.23 5.31 1.15
CA CYS A 53 -10.61 3.90 1.07
C CYS A 53 -9.66 3.10 1.93
N SER A 54 -10.20 2.16 2.68
CA SER A 54 -9.37 1.22 3.40
C SER A 54 -9.34 -0.09 2.60
N THR A 55 -8.91 -1.16 3.25
CA THR A 55 -9.02 -2.51 2.68
C THR A 55 -10.48 -2.92 2.62
N GLU A 56 -10.73 -4.11 2.06
CA GLU A 56 -12.10 -4.60 2.01
C GLU A 56 -12.67 -4.80 3.41
N HIS A 57 -11.88 -5.38 4.32
CA HIS A 57 -12.34 -5.55 5.68
C HIS A 57 -12.40 -4.21 6.42
N GLY A 58 -11.40 -3.35 6.19
CA GLY A 58 -11.44 -2.02 6.77
C GLY A 58 -12.68 -1.25 6.35
N ASN A 59 -13.04 -1.32 5.06
CA ASN A 59 -14.24 -0.64 4.61
C ASN A 59 -15.50 -1.24 5.22
N LYS A 60 -15.52 -2.58 5.42
CA LYS A 60 -16.69 -3.16 6.08
C LYS A 60 -16.83 -2.65 7.51
N ARG A 61 -15.73 -2.57 8.24
CA ARG A 61 -15.82 -2.10 9.64
C ARG A 61 -16.20 -0.63 9.70
N LEU A 62 -15.57 0.20 8.89
CA LEU A 62 -15.90 1.63 8.92
C LEU A 62 -17.33 1.87 8.45
N ASP A 63 -17.77 1.11 7.45
CA ASP A 63 -19.16 1.17 7.02
C ASP A 63 -20.09 0.91 8.21
N SER A 64 -19.80 -0.17 8.95
CA SER A 64 -20.65 -0.53 10.08
C SER A 64 -20.65 0.56 11.14
N ALA A 65 -19.48 1.13 11.45
CA ALA A 65 -19.43 2.17 12.47
C ALA A 65 -20.23 3.40 12.05
N PHE A 66 -20.09 3.80 10.78
CA PHE A 66 -20.76 5.01 10.33
C PHE A 66 -22.28 4.84 10.36
N ARG A 67 -22.77 3.72 9.81
CA ARG A 67 -24.22 3.52 9.81
C ARG A 67 -24.74 3.30 11.23
N CYS A 68 -23.94 2.68 12.09
CA CYS A 68 -24.33 2.49 13.47
C CYS A 68 -24.51 3.81 14.20
N MET A 69 -23.69 4.82 13.88
CA MET A 69 -23.79 6.07 14.62
C MET A 69 -24.94 6.95 14.17
N SER A 70 -25.46 6.73 12.96
CA SER A 70 -26.70 7.37 12.53
C SER A 70 -26.72 8.86 12.86
N SER A 71 -25.55 9.50 12.77
CA SER A 71 -25.39 10.95 12.95
C SER A 71 -25.72 11.41 14.37
N LYS A 72 -25.61 10.49 15.33
CA LYS A 72 -25.77 10.82 16.74
C LYS A 72 -24.52 11.48 17.28
N GLY A 73 -23.41 11.34 16.56
CA GLY A 73 -22.14 11.94 16.89
C GLY A 73 -21.20 11.75 15.73
N PRO A 74 -19.96 12.18 15.87
CA PRO A 74 -19.00 12.04 14.77
C PRO A 74 -18.25 10.72 14.80
N VAL A 75 -17.71 10.36 13.64
CA VAL A 75 -16.76 9.27 13.50
C VAL A 75 -15.45 9.92 13.07
N TYR A 76 -14.45 9.86 13.93
CA TYR A 76 -13.16 10.47 13.64
C TYR A 76 -12.13 9.43 13.24
N LEU A 77 -11.26 9.83 12.33
CA LEU A 77 -10.19 8.99 11.79
C LEU A 77 -8.87 9.70 12.08
N LEU A 78 -8.01 9.04 12.84
CA LEU A 78 -6.68 9.54 13.17
C LEU A 78 -5.70 8.87 12.20
N PHE A 79 -5.02 9.67 11.38
CA PHE A 79 -4.22 9.14 10.28
C PHE A 79 -2.74 9.06 10.64
N SER A 80 -2.12 7.92 10.32
CA SER A 80 -0.68 7.80 10.42
C SER A 80 -0.17 6.93 9.27
N VAL A 81 0.94 7.31 8.70
CA VAL A 81 1.53 6.52 7.63
C VAL A 81 2.41 5.45 8.25
N ASN A 82 2.30 4.22 7.74
CA ASN A 82 3.07 3.08 8.25
C ASN A 82 4.55 3.42 8.42
N GLY A 83 5.03 3.29 9.64
CA GLY A 83 6.45 3.45 9.94
C GLY A 83 6.94 4.88 10.04
N SER A 84 6.03 5.86 10.16
CA SER A 84 6.43 7.27 10.13
C SER A 84 6.79 7.84 11.49
N GLY A 85 6.26 7.29 12.58
CA GLY A 85 6.54 7.90 13.86
C GLY A 85 5.76 9.16 14.20
N HIS A 86 4.69 9.47 13.47
CA HIS A 86 3.82 10.56 13.89
C HIS A 86 2.46 10.40 13.24
N PHE A 87 1.47 11.06 13.85
CA PHE A 87 0.19 11.24 13.20
C PHE A 87 0.24 12.52 12.37
N CYS A 88 -0.40 12.49 11.21
CA CYS A 88 -0.37 13.61 10.28
C CYS A 88 -1.68 14.39 10.21
N GLY A 89 -2.75 13.89 10.81
CA GLY A 89 -3.96 14.66 10.91
C GLY A 89 -5.13 13.78 11.31
N VAL A 90 -6.30 14.43 11.39
CA VAL A 90 -7.54 13.77 11.73
C VAL A 90 -8.64 14.30 10.83
N ALA A 91 -9.52 13.40 10.39
CA ALA A 91 -10.63 13.73 9.50
C ALA A 91 -11.90 13.09 10.03
N GLU A 92 -13.06 13.61 9.62
CA GLU A 92 -14.34 13.03 9.98
C GLU A 92 -14.87 12.22 8.82
N MET A 93 -15.29 10.98 9.09
CA MET A 93 -15.99 10.20 8.09
C MET A 93 -17.35 10.83 7.80
N LYS A 94 -17.67 10.99 6.51
CA LYS A 94 -18.82 11.80 6.12
C LYS A 94 -19.84 11.09 5.23
N SER A 95 -19.64 9.81 4.92
CA SER A 95 -20.59 9.05 4.12
C SER A 95 -20.33 7.58 4.36
N PRO A 96 -21.31 6.72 4.07
CA PRO A 96 -21.03 5.27 4.11
C PRO A 96 -20.17 4.88 2.92
N VAL A 97 -19.63 3.66 2.99
CA VAL A 97 -18.76 3.20 1.92
C VAL A 97 -19.57 2.98 0.66
N ASP A 98 -19.05 3.47 -0.46
CA ASP A 98 -19.67 3.36 -1.78
C ASP A 98 -18.91 2.36 -2.63
N TYR A 99 -19.62 1.52 -3.36
CA TYR A 99 -19.00 0.50 -4.21
C TYR A 99 -19.40 0.68 -5.66
N LYS A 112 -14.16 0.08 -5.56
CA LYS A 112 -13.98 -1.14 -4.79
C LYS A 112 -14.02 -0.68 -3.32
N GLY A 113 -14.84 0.35 -3.09
CA GLY A 113 -15.11 0.93 -1.80
C GLY A 113 -14.38 2.21 -1.45
N LYS A 114 -15.02 3.36 -1.68
CA LYS A 114 -14.53 4.66 -1.27
C LYS A 114 -15.56 5.30 -0.35
N PHE A 115 -15.15 6.32 0.40
CA PHE A 115 -16.12 7.07 1.17
C PHE A 115 -15.63 8.49 1.43
N ASP A 116 -16.59 9.40 1.63
CA ASP A 116 -16.29 10.82 1.82
C ASP A 116 -15.69 11.06 3.21
N VAL A 117 -14.68 11.93 3.27
CA VAL A 117 -14.09 12.35 4.54
C VAL A 117 -13.92 13.85 4.50
N GLN A 118 -13.90 14.45 5.69
CA GLN A 118 -13.69 15.88 5.86
C GLN A 118 -12.47 16.07 6.74
N TRP A 119 -11.38 16.55 6.15
CA TRP A 119 -10.16 16.73 6.92
C TRP A 119 -10.33 17.92 7.85
N ILE A 120 -9.93 17.75 9.11
CA ILE A 120 -10.05 18.79 10.13
C ILE A 120 -8.69 19.24 10.63
N PHE A 121 -7.86 18.30 11.08
CA PHE A 121 -6.50 18.60 11.51
C PHE A 121 -5.52 18.08 10.47
N VAL A 122 -4.60 18.95 10.06
CA VAL A 122 -3.49 18.59 9.19
C VAL A 122 -2.23 19.14 9.87
N LYS A 123 -1.53 18.30 10.59
CA LYS A 123 -0.40 18.67 11.43
C LYS A 123 0.31 17.39 11.88
N ASP A 124 1.62 17.50 12.07
CA ASP A 124 2.40 16.34 12.51
C ASP A 124 2.48 16.36 14.03
N VAL A 125 1.97 15.30 14.64
CA VAL A 125 2.09 15.09 16.08
C VAL A 125 3.00 13.89 16.30
N PRO A 126 4.21 14.10 16.82
CA PRO A 126 5.14 12.97 17.04
C PRO A 126 4.53 11.92 17.96
N ASN A 127 4.97 10.67 17.75
CA ASN A 127 4.42 9.55 18.50
C ASN A 127 4.74 9.61 19.99
N ASN A 128 5.87 10.23 20.37
CA ASN A 128 6.20 10.28 21.79
C ASN A 128 5.28 11.21 22.57
N GLN A 129 4.43 11.96 21.88
CA GLN A 129 3.40 12.75 22.54
C GLN A 129 2.17 11.92 22.87
N LEU A 130 2.02 10.76 22.22
CA LEU A 130 0.81 9.94 22.38
C LEU A 130 1.07 8.53 22.90
N ARG A 131 2.33 8.07 22.97
CA ARG A 131 2.58 6.67 23.29
C ARG A 131 2.18 6.29 24.72
N HIS A 132 2.01 7.26 25.62
CA HIS A 132 1.64 6.91 26.99
C HIS A 132 0.17 6.50 27.08
N ILE A 133 -0.63 6.79 26.06
CA ILE A 133 -2.05 6.44 26.04
C ILE A 133 -2.17 5.01 25.51
N ARG A 134 -2.64 4.09 26.36
CA ARG A 134 -2.70 2.69 26.01
C ARG A 134 -4.15 2.26 25.80
N LEU A 135 -4.35 1.24 24.96
CA LEU A 135 -5.67 0.84 24.48
C LEU A 135 -6.06 -0.49 25.14
N GLU A 136 -7.06 -0.44 26.03
CA GLU A 136 -7.45 -1.65 26.77
C GLU A 136 -8.05 -2.71 25.86
N ASN A 137 -8.68 -2.30 24.76
CA ASN A 137 -9.24 -3.23 23.79
C ASN A 137 -8.21 -3.72 22.78
N ASN A 138 -6.93 -3.42 23.02
CA ASN A 138 -5.84 -3.88 22.17
C ASN A 138 -4.65 -4.26 23.04
N ASP A 139 -4.88 -5.15 24.00
CA ASP A 139 -3.83 -5.68 24.87
C ASP A 139 -3.00 -4.58 25.53
N ASN A 140 -3.66 -3.46 25.85
CA ASN A 140 -3.01 -2.32 26.50
C ASN A 140 -1.81 -1.81 25.72
N LYS A 141 -1.77 -2.08 24.41
CA LYS A 141 -0.73 -1.55 23.56
C LYS A 141 -0.92 -0.05 23.36
N PRO A 142 0.17 0.70 23.19
CA PRO A 142 0.03 2.15 22.97
C PRO A 142 -0.80 2.44 21.72
N VAL A 143 -1.46 3.59 21.74
CA VAL A 143 -2.28 3.99 20.60
C VAL A 143 -1.42 4.15 19.35
N THR A 144 -0.12 4.39 19.53
CA THR A 144 0.83 4.47 18.44
C THR A 144 1.21 3.10 17.87
N ASN A 145 0.83 2.00 18.53
CA ASN A 145 1.11 0.67 18.00
C ASN A 145 -0.16 -0.03 17.50
N SER A 146 -0.96 0.66 16.70
CA SER A 146 -2.25 0.18 16.25
C SER A 146 -2.21 -0.21 14.78
N ARG A 147 -3.15 -1.07 14.39
CA ARG A 147 -3.34 -1.44 13.00
C ARG A 147 -4.52 -0.67 12.41
N ASP A 148 -4.70 -0.82 11.10
CA ASP A 148 -5.66 -0.04 10.36
C ASP A 148 -7.08 -0.32 10.87
N THR A 149 -7.84 0.76 11.08
CA THR A 149 -9.21 0.72 11.59
C THR A 149 -9.30 0.12 13.00
N GLN A 150 -8.25 0.28 13.81
CA GLN A 150 -8.37 -0.06 15.22
C GLN A 150 -9.23 1.00 15.90
N GLU A 151 -10.18 0.57 16.71
CA GLU A 151 -11.03 1.55 17.38
C GLU A 151 -10.42 1.97 18.71
N VAL A 152 -10.53 3.25 18.99
CA VAL A 152 -10.00 3.85 20.22
C VAL A 152 -11.15 4.00 21.22
N PRO A 153 -11.01 3.49 22.44
CA PRO A 153 -12.03 3.73 23.48
C PRO A 153 -12.26 5.22 23.69
N LEU A 154 -13.52 5.56 23.99
CA LEU A 154 -13.96 6.96 23.95
C LEU A 154 -13.11 7.87 24.84
N GLU A 155 -12.86 7.47 26.08
CA GLU A 155 -12.12 8.33 26.99
C GLU A 155 -10.66 8.49 26.54
N LYS A 156 -10.08 7.39 26.03
CA LYS A 156 -8.74 7.49 25.47
C LYS A 156 -8.77 8.33 24.21
N ALA A 157 -9.85 8.21 23.43
CA ALA A 157 -10.03 9.06 22.26
C ALA A 157 -10.01 10.53 22.63
N LYS A 158 -10.64 10.89 23.75
CA LYS A 158 -10.60 12.29 24.19
C LYS A 158 -9.19 12.70 24.57
N GLN A 159 -8.43 11.80 25.22
CA GLN A 159 -7.05 12.13 25.52
C GLN A 159 -6.25 12.42 24.25
N VAL A 160 -6.44 11.59 23.22
CA VAL A 160 -5.69 11.74 21.98
C VAL A 160 -6.12 13.01 21.23
N LEU A 161 -7.42 13.23 21.13
CA LEU A 161 -7.94 14.42 20.46
C LEU A 161 -7.48 15.70 21.16
N LYS A 162 -7.45 15.68 22.50
CA LYS A 162 -6.95 16.85 23.21
C LYS A 162 -5.48 17.11 22.86
N ILE A 163 -4.67 16.06 22.90
CA ILE A 163 -3.23 16.23 22.64
C ILE A 163 -3.00 16.70 21.21
N ILE A 164 -3.68 16.09 20.23
CA ILE A 164 -3.49 16.46 18.83
C ILE A 164 -4.01 17.87 18.58
N SER A 165 -5.15 18.20 19.17
CA SER A 165 -5.74 19.54 18.99
C SER A 165 -4.80 20.62 19.50
N SER A 166 -4.20 20.42 20.68
CA SER A 166 -3.44 21.50 21.30
C SER A 166 -1.96 21.51 20.91
N TYR A 167 -1.44 20.46 20.29
CA TYR A 167 -0.02 20.37 20.00
C TYR A 167 0.43 21.50 19.07
N LYS A 168 1.54 22.14 19.43
CA LYS A 168 2.14 23.20 18.63
C LYS A 168 3.04 22.53 17.59
N HIS A 169 2.44 22.09 16.50
CA HIS A 169 3.19 21.38 15.48
C HIS A 169 4.16 22.31 14.78
N THR A 170 5.30 21.76 14.39
CA THR A 170 6.26 22.52 13.61
C THR A 170 6.16 22.26 12.11
N THR A 171 5.38 21.28 11.68
CA THR A 171 5.38 20.90 10.27
C THR A 171 4.16 20.03 10.00
N SER A 172 3.89 19.84 8.71
CA SER A 172 2.79 19.00 8.25
C SER A 172 3.04 18.63 6.80
N ILE A 173 2.23 17.70 6.30
CA ILE A 173 2.38 17.26 4.91
C ILE A 173 2.26 18.44 3.95
N PHE A 174 1.54 19.50 4.34
CA PHE A 174 1.38 20.66 3.47
C PHE A 174 2.72 21.26 3.08
N ASP A 175 3.74 21.10 3.93
CA ASP A 175 5.06 21.65 3.64
C ASP A 175 5.69 21.00 2.42
N ASP A 176 5.24 19.80 2.04
CA ASP A 176 5.74 19.11 0.86
C ASP A 176 4.71 19.07 -0.24
N PHE A 177 3.72 19.99 -0.19
CA PHE A 177 2.56 19.88 -1.06
C PHE A 177 2.97 19.85 -2.52
N ALA A 178 3.75 20.85 -2.95
CA ALA A 178 4.15 20.93 -4.35
C ALA A 178 4.84 19.64 -4.78
N HIS A 179 5.65 19.08 -3.88
CA HIS A 179 6.38 17.85 -4.21
C HIS A 179 5.40 16.74 -4.54
N TYR A 180 4.39 16.55 -3.69
CA TYR A 180 3.39 15.53 -4.00
C TYR A 180 2.65 15.87 -5.29
N GLU A 181 2.33 17.15 -5.49
CA GLU A 181 1.70 17.57 -6.74
C GLU A 181 2.53 17.09 -7.92
N LYS A 182 3.85 17.29 -7.86
CA LYS A 182 4.67 16.89 -9.00
C LYS A 182 4.72 15.37 -9.14
N ARG A 183 4.88 14.65 -8.02
CA ARG A 183 4.98 13.19 -8.10
C ARG A 183 3.77 12.61 -8.80
N GLN A 184 2.57 12.96 -8.32
CA GLN A 184 1.35 12.46 -8.93
C GLN A 184 1.37 12.72 -10.44
N ALA A 185 1.72 13.95 -10.83
CA ALA A 185 1.64 14.29 -12.24
C ALA A 185 2.58 13.40 -13.05
N VAL A 186 3.82 13.24 -12.57
CA VAL A 186 4.76 12.43 -13.32
C VAL A 186 4.24 11.01 -13.41
N VAL A 187 3.72 10.48 -12.30
CA VAL A 187 3.24 9.10 -12.32
C VAL A 187 2.18 8.94 -13.40
N GLU A 188 1.27 9.91 -13.51
CA GLU A 188 0.19 9.77 -14.48
C GLU A 188 0.76 9.65 -15.88
N VAL A 189 1.73 10.51 -16.23
CA VAL A 189 2.28 10.43 -17.57
C VAL A 189 2.99 9.11 -17.76
N VAL A 190 3.74 8.67 -16.75
CA VAL A 190 4.48 7.43 -16.88
C VAL A 190 3.52 6.29 -17.17
N ARG A 191 2.32 6.33 -16.57
CA ARG A 191 1.38 5.26 -16.83
C ARG A 191 0.81 5.38 -18.24
N LYS A 192 0.39 6.59 -18.64
CA LYS A 192 -0.26 6.75 -19.93
C LYS A 192 0.68 6.35 -21.06
N GLU A 193 1.98 6.62 -20.91
CA GLU A 193 2.93 6.25 -21.95
C GLU A 193 3.14 4.75 -21.94
N ARG A 194 3.33 4.16 -20.76
CA ARG A 194 3.56 2.72 -20.68
C ARG A 194 2.36 1.96 -21.24
N GLN A 195 1.17 2.38 -20.85
CA GLN A 195 -0.05 1.72 -21.37
C GLN A 195 -0.10 1.91 -22.88
N SER A 196 0.30 3.07 -23.38
CA SER A 196 0.29 3.28 -24.82
C SER A 196 1.24 2.32 -25.52
N ARG A 197 2.41 2.08 -24.93
CA ARG A 197 3.35 1.15 -25.51
C ARG A 197 2.84 -0.28 -25.53
N ASN A 198 1.80 -0.60 -24.74
CA ASN A 198 1.34 -1.99 -24.74
C ASN A 198 0.39 -2.30 -25.88
N LYS A 199 -0.28 -1.27 -26.39
CA LYS A 199 -1.25 -1.43 -27.51
C LYS A 199 -1.18 -0.21 -28.42
N SER B 5 19.96 4.26 -20.33
CA SER B 5 19.62 3.30 -19.29
C SER B 5 20.44 3.55 -18.03
N HIS B 6 19.90 3.16 -16.87
CA HIS B 6 20.48 3.44 -15.56
C HIS B 6 21.60 2.44 -15.25
N PRO B 7 22.69 2.91 -14.62
CA PRO B 7 23.82 2.00 -14.37
C PRO B 7 23.51 0.90 -13.35
N VAL B 8 22.60 1.14 -12.41
CA VAL B 8 22.16 0.09 -11.50
C VAL B 8 21.48 -1.03 -12.28
N LEU B 9 20.61 -0.65 -13.22
CA LEU B 9 19.95 -1.64 -14.06
C LEU B 9 20.95 -2.44 -14.87
N GLU B 10 22.03 -1.80 -15.32
CA GLU B 10 23.10 -2.51 -16.02
C GLU B 10 23.74 -3.54 -15.11
N LYS B 11 24.00 -3.15 -13.85
CA LYS B 11 24.61 -4.07 -12.91
C LYS B 11 23.72 -5.29 -12.69
N LEU B 12 22.41 -5.05 -12.47
CA LEU B 12 21.47 -6.15 -12.30
C LEU B 12 21.45 -7.06 -13.50
N LYS B 13 21.36 -6.48 -14.70
CA LYS B 13 21.34 -7.29 -15.91
C LYS B 13 22.62 -8.10 -16.05
N ALA B 14 23.76 -7.57 -15.59
CA ALA B 14 25.00 -8.32 -15.72
C ALA B 14 25.08 -9.46 -14.72
N ALA B 15 24.41 -9.32 -13.57
CA ALA B 15 24.47 -10.35 -12.54
C ALA B 15 23.34 -11.38 -12.63
N HIS B 16 22.31 -11.13 -13.43
CA HIS B 16 21.15 -12.02 -13.50
C HIS B 16 20.71 -12.16 -14.94
N SER B 17 20.04 -13.28 -15.24
CA SER B 17 19.59 -13.59 -16.60
C SER B 17 18.06 -13.53 -16.66
N TYR B 18 17.53 -12.32 -16.76
CA TYR B 18 16.08 -12.10 -16.82
C TYR B 18 15.51 -12.62 -18.13
N ASN B 19 14.22 -13.00 -18.08
CA ASN B 19 13.43 -13.52 -19.18
C ASN B 19 14.14 -14.65 -19.94
N PRO B 20 14.35 -15.81 -19.30
CA PRO B 20 15.11 -16.89 -19.94
C PRO B 20 14.39 -17.42 -21.18
N LYS B 21 15.20 -17.81 -22.16
CA LYS B 21 14.69 -18.26 -23.44
C LYS B 21 14.02 -19.62 -23.35
N GLU B 22 14.62 -20.54 -22.60
CA GLU B 22 14.09 -21.88 -22.35
C GLU B 22 13.68 -21.93 -20.88
N PHE B 23 12.38 -21.85 -20.62
CA PHE B 23 11.87 -21.90 -19.26
C PHE B 23 10.91 -23.08 -19.12
N GLU B 24 11.11 -23.87 -18.06
CA GLU B 24 10.28 -25.06 -17.86
C GLU B 24 9.00 -24.61 -17.18
N TRP B 25 7.97 -24.37 -17.99
CA TRP B 25 6.66 -23.98 -17.48
C TRP B 25 5.80 -25.18 -17.15
N ASN B 26 6.08 -26.33 -17.77
CA ASN B 26 5.36 -27.57 -17.49
C ASN B 26 6.16 -28.31 -16.43
N LEU B 27 5.93 -27.91 -15.19
CA LEU B 27 6.76 -28.32 -14.08
C LEU B 27 6.42 -29.73 -13.64
N LYS B 28 7.45 -30.46 -13.20
CA LYS B 28 7.20 -31.76 -12.57
C LYS B 28 6.45 -31.59 -11.26
N SER B 29 6.59 -30.44 -10.60
CA SER B 29 5.95 -30.19 -9.31
C SER B 29 6.06 -28.69 -8.99
N GLY B 30 5.56 -28.31 -7.82
CA GLY B 30 5.63 -26.95 -7.36
C GLY B 30 4.25 -26.33 -7.16
N ARG B 31 4.27 -25.08 -6.66
CA ARG B 31 3.05 -24.34 -6.42
C ARG B 31 3.25 -22.89 -6.84
N VAL B 32 2.14 -22.27 -7.26
CA VAL B 32 2.17 -20.93 -7.85
C VAL B 32 1.19 -20.05 -7.09
N PHE B 33 1.58 -18.79 -6.89
CA PHE B 33 0.79 -17.86 -6.09
C PHE B 33 0.72 -16.50 -6.77
N ILE B 34 -0.43 -15.86 -6.66
CA ILE B 34 -0.62 -14.50 -7.13
C ILE B 34 -0.22 -13.59 -5.99
N ILE B 35 0.70 -12.67 -6.29
CA ILE B 35 1.10 -11.57 -5.42
C ILE B 35 0.52 -10.29 -5.98
N LYS B 36 -0.21 -9.57 -5.13
CA LYS B 36 -0.77 -8.26 -5.47
C LYS B 36 0.04 -7.20 -4.73
N SER B 37 0.68 -6.33 -5.50
CA SER B 37 1.54 -5.30 -4.92
C SER B 37 0.79 -3.97 -4.90
N TYR B 38 1.09 -3.16 -3.89
CA TYR B 38 0.42 -1.86 -3.80
C TYR B 38 0.90 -0.89 -4.87
N SER B 39 2.15 -1.01 -5.29
CA SER B 39 2.69 -0.01 -6.21
C SER B 39 3.81 -0.59 -7.06
N GLU B 40 4.08 0.11 -8.17
CA GLU B 40 5.25 -0.21 -8.96
C GLU B 40 6.52 -0.01 -8.16
N ASP B 41 6.54 0.99 -7.26
CA ASP B 41 7.73 1.27 -6.46
C ASP B 41 8.20 0.02 -5.74
N ASP B 42 7.26 -0.70 -5.14
CA ASP B 42 7.59 -1.93 -4.42
C ASP B 42 8.19 -2.98 -5.37
N ILE B 43 7.64 -3.10 -6.58
CA ILE B 43 8.16 -4.06 -7.55
C ILE B 43 9.60 -3.71 -7.91
N HIS B 44 9.85 -2.42 -8.15
CA HIS B 44 11.20 -1.97 -8.48
C HIS B 44 12.17 -2.31 -7.36
N ARG B 45 11.80 -2.01 -6.12
CA ARG B 45 12.66 -2.32 -4.98
C ARG B 45 12.86 -3.83 -4.85
N SER B 46 11.82 -4.62 -5.12
CA SER B 46 11.91 -6.07 -5.04
C SER B 46 12.90 -6.61 -6.06
N ILE B 47 12.91 -6.04 -7.26
CA ILE B 47 13.85 -6.49 -8.28
C ILE B 47 15.26 -6.04 -7.93
N LYS B 48 15.40 -4.85 -7.37
CA LYS B 48 16.73 -4.34 -7.12
C LYS B 48 17.38 -4.99 -5.91
N TYR B 49 16.58 -5.45 -4.95
CA TYR B 49 17.10 -6.03 -3.72
C TYR B 49 16.83 -7.52 -3.57
N SER B 50 16.10 -8.14 -4.50
CA SER B 50 15.83 -9.58 -4.46
C SER B 50 15.12 -9.97 -3.16
N ILE B 51 14.08 -9.19 -2.84
CA ILE B 51 13.41 -9.28 -1.55
C ILE B 51 11.93 -8.99 -1.78
N TRP B 52 11.09 -9.60 -0.95
CA TRP B 52 9.67 -9.31 -0.97
C TRP B 52 9.10 -9.49 0.43
N CYS B 53 8.09 -8.68 0.76
CA CYS B 53 7.30 -8.89 1.97
C CYS B 53 5.84 -8.65 1.63
N SER B 54 5.00 -9.55 2.11
CA SER B 54 3.56 -9.47 2.03
C SER B 54 3.02 -8.98 3.37
N THR B 55 1.74 -9.22 3.63
CA THR B 55 1.18 -8.97 4.95
C THR B 55 1.76 -9.97 5.95
N GLU B 56 1.33 -9.83 7.19
CA GLU B 56 1.78 -10.73 8.28
C GLU B 56 1.21 -12.12 7.99
N HIS B 57 -0.04 -12.15 7.56
CA HIS B 57 -0.70 -13.40 7.22
C HIS B 57 -0.20 -13.93 5.88
N GLY B 58 0.02 -13.03 4.92
CA GLY B 58 0.60 -13.46 3.65
C GLY B 58 1.97 -14.09 3.85
N ASN B 59 2.80 -13.49 4.71
CA ASN B 59 4.11 -14.08 4.96
C ASN B 59 3.98 -15.41 5.68
N LYS B 60 2.98 -15.57 6.56
CA LYS B 60 2.76 -16.85 7.20
C LYS B 60 2.38 -17.92 6.19
N ARG B 61 1.47 -17.59 5.27
CA ARG B 61 1.03 -18.55 4.26
C ARG B 61 2.19 -18.94 3.34
N LEU B 62 2.93 -17.96 2.84
CA LEU B 62 4.05 -18.28 1.95
C LEU B 62 5.13 -19.05 2.70
N ASP B 63 5.37 -18.71 3.97
CA ASP B 63 6.30 -19.49 4.78
C ASP B 63 5.88 -20.94 4.86
N SER B 64 4.60 -21.21 5.17
CA SER B 64 4.15 -22.59 5.30
C SER B 64 4.28 -23.33 3.97
N ALA B 65 3.92 -22.68 2.86
CA ALA B 65 4.04 -23.34 1.56
C ALA B 65 5.50 -23.64 1.20
N PHE B 66 6.40 -22.68 1.46
CA PHE B 66 7.81 -22.85 1.11
C PHE B 66 8.46 -23.95 1.95
N ARG B 67 8.26 -23.89 3.27
CA ARG B 67 8.88 -24.83 4.18
C ARG B 67 8.38 -26.25 4.01
N CYS B 68 7.18 -26.42 3.45
CA CYS B 68 6.56 -27.73 3.32
C CYS B 68 7.49 -28.70 2.63
N MET B 69 7.79 -29.80 3.34
CA MET B 69 8.75 -30.79 2.88
C MET B 69 8.16 -31.80 1.91
N SER B 70 6.83 -31.89 1.80
CA SER B 70 6.24 -32.65 0.70
C SER B 70 6.10 -31.80 -0.56
N SER B 71 6.68 -30.60 -0.55
CA SER B 71 6.76 -29.73 -1.73
C SER B 71 8.20 -29.86 -2.18
N LYS B 72 8.43 -30.80 -3.09
CA LYS B 72 9.77 -31.06 -3.59
C LYS B 72 10.27 -29.98 -4.54
N GLY B 73 9.37 -29.22 -5.13
CA GLY B 73 9.75 -28.24 -6.14
C GLY B 73 9.79 -26.81 -5.66
N PRO B 74 9.89 -25.88 -6.60
CA PRO B 74 9.93 -24.46 -6.27
C PRO B 74 8.54 -23.85 -6.15
N VAL B 75 8.47 -22.70 -5.50
CA VAL B 75 7.24 -21.92 -5.39
C VAL B 75 7.40 -20.63 -6.16
N TYR B 76 6.56 -20.44 -7.18
CA TYR B 76 6.61 -19.27 -8.06
C TYR B 76 5.56 -18.25 -7.65
N LEU B 77 5.91 -16.98 -7.86
CA LEU B 77 5.06 -15.83 -7.56
C LEU B 77 4.83 -15.03 -8.82
N LEU B 78 3.56 -14.88 -9.19
CA LEU B 78 3.13 -14.06 -10.33
C LEU B 78 2.75 -12.69 -9.79
N PHE B 79 3.45 -11.65 -10.23
CA PHE B 79 3.27 -10.32 -9.65
C PHE B 79 2.34 -9.47 -10.49
N SER B 80 1.40 -8.80 -9.82
CA SER B 80 0.58 -7.80 -10.48
C SER B 80 0.34 -6.66 -9.50
N VAL B 81 0.41 -5.45 -10.00
CA VAL B 81 0.16 -4.27 -9.19
C VAL B 81 -1.32 -3.96 -9.20
N ASN B 82 -1.86 -3.64 -8.03
CA ASN B 82 -3.29 -3.36 -7.86
C ASN B 82 -3.80 -2.38 -8.90
N GLY B 83 -4.76 -2.83 -9.70
CA GLY B 83 -5.44 -1.96 -10.63
C GLY B 83 -4.69 -1.63 -11.91
N SER B 84 -3.64 -2.38 -12.24
CA SER B 84 -2.83 -2.05 -13.42
C SER B 84 -3.34 -2.72 -14.69
N GLY B 85 -4.06 -3.82 -14.58
CA GLY B 85 -4.52 -4.52 -15.76
C GLY B 85 -3.49 -5.38 -16.46
N HIS B 86 -2.37 -5.70 -15.79
CA HIS B 86 -1.43 -6.64 -16.35
C HIS B 86 -0.57 -7.21 -15.23
N PHE B 87 0.05 -8.36 -15.52
CA PHE B 87 1.13 -8.87 -14.70
C PHE B 87 2.46 -8.30 -15.17
N CYS B 88 3.36 -8.03 -14.22
CA CYS B 88 4.64 -7.41 -14.52
C CYS B 88 5.82 -8.36 -14.40
N GLY B 89 5.64 -9.57 -13.91
CA GLY B 89 6.72 -10.53 -13.92
C GLY B 89 6.45 -11.72 -13.03
N VAL B 90 7.46 -12.59 -12.97
CA VAL B 90 7.42 -13.83 -12.20
C VAL B 90 8.74 -13.95 -11.45
N ALA B 91 8.65 -14.37 -10.19
CA ALA B 91 9.84 -14.59 -9.36
C ALA B 91 9.70 -15.90 -8.61
N GLU B 92 10.83 -16.45 -8.18
CA GLU B 92 10.83 -17.66 -7.35
C GLU B 92 11.11 -17.29 -5.91
N MET B 93 10.31 -17.81 -4.99
CA MET B 93 10.65 -17.67 -3.58
C MET B 93 11.90 -18.49 -3.29
N LYS B 94 12.89 -17.88 -2.61
CA LYS B 94 14.20 -18.49 -2.46
C LYS B 94 14.64 -18.62 -1.01
N SER B 95 13.80 -18.29 -0.03
CA SER B 95 14.14 -18.45 1.37
C SER B 95 12.87 -18.44 2.19
N PRO B 96 12.90 -18.97 3.41
CA PRO B 96 11.76 -18.80 4.32
C PRO B 96 11.71 -17.39 4.88
N VAL B 97 10.60 -17.05 5.54
CA VAL B 97 10.44 -15.71 6.06
C VAL B 97 11.43 -15.48 7.19
N ASP B 98 12.10 -14.33 7.16
CA ASP B 98 13.11 -13.94 8.14
C ASP B 98 12.54 -12.82 9.01
N TYR B 99 12.77 -12.93 10.32
CA TYR B 99 12.28 -11.96 11.30
C TYR B 99 13.43 -11.34 12.08
N GLY B 100 14.53 -11.01 11.38
CA GLY B 100 15.68 -10.38 12.02
C GLY B 100 15.72 -8.87 11.90
N TRP B 111 8.36 -5.90 12.63
CA TRP B 111 8.37 -7.35 12.78
C TRP B 111 7.68 -8.04 11.60
N LYS B 112 7.58 -7.31 10.49
CA LYS B 112 6.75 -7.74 9.37
C LYS B 112 7.21 -9.09 8.83
N GLY B 113 8.52 -9.24 8.58
CA GLY B 113 8.97 -10.49 8.01
C GLY B 113 9.21 -10.37 6.52
N LYS B 114 10.46 -10.48 6.09
CA LYS B 114 10.79 -10.47 4.67
C LYS B 114 11.38 -11.82 4.25
N PHE B 115 11.42 -12.06 2.94
CA PHE B 115 11.99 -13.29 2.41
C PHE B 115 12.58 -13.06 1.02
N ASP B 116 13.58 -13.87 0.69
CA ASP B 116 14.32 -13.74 -0.56
C ASP B 116 13.52 -14.23 -1.75
N VAL B 117 13.65 -13.52 -2.87
CA VAL B 117 13.09 -13.94 -4.15
C VAL B 117 14.15 -13.77 -5.23
N GLN B 118 13.98 -14.53 -6.30
CA GLN B 118 14.84 -14.43 -7.48
C GLN B 118 13.93 -14.15 -8.66
N TRP B 119 14.01 -12.94 -9.22
CA TRP B 119 13.16 -12.59 -10.35
C TRP B 119 13.63 -13.33 -11.60
N ILE B 120 12.66 -13.85 -12.33
CA ILE B 120 12.90 -14.63 -13.53
C ILE B 120 12.34 -13.93 -14.76
N PHE B 121 11.07 -13.57 -14.72
CA PHE B 121 10.45 -12.82 -15.81
C PHE B 121 10.18 -11.39 -15.34
N VAL B 122 10.58 -10.43 -16.15
CA VAL B 122 10.26 -9.03 -15.94
C VAL B 122 9.69 -8.52 -17.26
N LYS B 123 8.37 -8.49 -17.37
CA LYS B 123 7.72 -8.17 -18.63
C LYS B 123 6.25 -7.92 -18.35
N ASP B 124 5.65 -7.05 -19.15
CA ASP B 124 4.24 -6.69 -18.99
C ASP B 124 3.40 -7.56 -19.91
N VAL B 125 2.54 -8.39 -19.33
CA VAL B 125 1.59 -9.20 -20.09
C VAL B 125 0.18 -8.70 -19.77
N PRO B 126 -0.53 -8.11 -20.74
CA PRO B 126 -1.85 -7.56 -20.45
C PRO B 126 -2.83 -8.61 -19.92
N ASN B 127 -3.78 -8.15 -19.12
CA ASN B 127 -4.77 -9.05 -18.52
C ASN B 127 -5.71 -9.65 -19.56
N ASN B 128 -5.90 -9.01 -20.71
CA ASN B 128 -6.80 -9.62 -21.70
C ASN B 128 -6.19 -10.88 -22.30
N GLN B 129 -4.92 -11.17 -22.02
CA GLN B 129 -4.30 -12.42 -22.41
C GLN B 129 -4.58 -13.54 -21.43
N LEU B 130 -4.88 -13.21 -20.16
CA LEU B 130 -5.03 -14.28 -19.14
C LEU B 130 -6.37 -14.22 -18.38
N ARG B 131 -7.38 -13.52 -18.91
CA ARG B 131 -8.67 -13.49 -18.25
C ARG B 131 -9.47 -14.79 -18.40
N HIS B 132 -9.16 -15.60 -19.41
CA HIS B 132 -9.91 -16.83 -19.63
C HIS B 132 -9.52 -17.98 -18.72
N ILE B 133 -8.37 -17.92 -18.05
CA ILE B 133 -7.96 -18.97 -17.14
C ILE B 133 -8.61 -18.73 -15.78
N ARG B 134 -9.49 -19.64 -15.38
CA ARG B 134 -10.28 -19.52 -14.17
C ARG B 134 -9.80 -20.52 -13.12
N LEU B 135 -9.97 -20.17 -11.85
CA LEU B 135 -9.44 -20.93 -10.72
C LEU B 135 -10.58 -21.63 -9.98
N GLU B 136 -10.57 -22.97 -10.00
CA GLU B 136 -11.63 -23.72 -9.36
C GLU B 136 -11.66 -23.49 -7.86
N ASN B 137 -10.51 -23.17 -7.25
CA ASN B 137 -10.45 -22.88 -5.83
C ASN B 137 -10.85 -21.44 -5.51
N ASN B 138 -11.41 -20.70 -6.47
CA ASN B 138 -11.98 -19.38 -6.23
C ASN B 138 -13.22 -19.19 -7.10
N ASP B 139 -14.16 -20.13 -7.00
CA ASP B 139 -15.45 -20.08 -7.69
C ASP B 139 -15.31 -19.80 -9.19
N ASN B 140 -14.24 -20.31 -9.79
CA ASN B 140 -13.98 -20.16 -11.22
C ASN B 140 -13.96 -18.69 -11.65
N LYS B 141 -13.64 -17.79 -10.71
CA LYS B 141 -13.37 -16.41 -11.08
C LYS B 141 -12.03 -16.34 -11.81
N PRO B 142 -11.89 -15.45 -12.80
CA PRO B 142 -10.62 -15.38 -13.56
C PRO B 142 -9.42 -15.11 -12.67
N VAL B 143 -8.26 -15.56 -13.11
CA VAL B 143 -7.03 -15.37 -12.31
C VAL B 143 -6.74 -13.88 -12.25
N THR B 144 -7.11 -13.12 -13.28
CA THR B 144 -6.84 -11.69 -13.26
C THR B 144 -7.65 -10.96 -12.20
N ASN B 145 -8.65 -11.62 -11.62
CA ASN B 145 -9.46 -11.04 -10.55
C ASN B 145 -9.05 -11.70 -9.23
N SER B 146 -7.75 -11.77 -8.98
CA SER B 146 -7.22 -12.49 -7.83
C SER B 146 -6.71 -11.51 -6.78
N ARG B 147 -6.67 -11.98 -5.53
CA ARG B 147 -6.13 -11.24 -4.40
C ARG B 147 -4.77 -11.79 -3.98
N ASP B 148 -4.14 -11.09 -3.03
CA ASP B 148 -2.76 -11.34 -2.65
C ASP B 148 -2.58 -12.73 -2.05
N THR B 149 -1.48 -13.40 -2.45
CA THR B 149 -1.13 -14.76 -2.02
C THR B 149 -2.21 -15.77 -2.38
N GLN B 150 -2.92 -15.56 -3.49
CA GLN B 150 -3.84 -16.59 -3.93
C GLN B 150 -3.09 -17.74 -4.56
N GLU B 151 -3.46 -18.98 -4.24
CA GLU B 151 -2.79 -20.10 -4.87
C GLU B 151 -3.53 -20.50 -6.15
N VAL B 152 -2.77 -20.77 -7.20
CA VAL B 152 -3.32 -21.16 -8.49
C VAL B 152 -3.22 -22.68 -8.61
N PRO B 153 -4.29 -23.38 -8.95
CA PRO B 153 -4.20 -24.82 -9.21
C PRO B 153 -3.14 -25.13 -10.27
N LEU B 154 -2.48 -26.28 -10.08
CA LEU B 154 -1.25 -26.61 -10.80
C LEU B 154 -1.43 -26.53 -12.32
N GLU B 155 -2.48 -27.15 -12.86
CA GLU B 155 -2.64 -27.18 -14.30
C GLU B 155 -2.93 -25.79 -14.86
N LYS B 156 -3.75 -25.01 -14.15
CA LYS B 156 -3.93 -23.61 -14.54
C LYS B 156 -2.66 -22.81 -14.32
N ALA B 157 -1.90 -23.15 -13.28
CA ALA B 157 -0.60 -22.51 -13.07
C ALA B 157 0.30 -22.70 -14.28
N LYS B 158 0.35 -23.91 -14.85
CA LYS B 158 1.16 -24.13 -16.03
C LYS B 158 0.60 -23.41 -17.25
N GLN B 159 -0.73 -23.33 -17.38
CA GLN B 159 -1.28 -22.54 -18.48
C GLN B 159 -0.82 -21.08 -18.38
N VAL B 160 -0.81 -20.52 -17.16
CA VAL B 160 -0.40 -19.14 -16.96
C VAL B 160 1.10 -18.98 -17.21
N LEU B 161 1.90 -19.90 -16.68
CA LEU B 161 3.35 -19.84 -16.90
C LEU B 161 3.68 -19.95 -18.39
N LYS B 162 2.96 -20.79 -19.11
CA LYS B 162 3.20 -20.90 -20.55
C LYS B 162 2.93 -19.57 -21.25
N ILE B 163 1.78 -18.95 -20.98
CA ILE B 163 1.47 -17.71 -21.70
C ILE B 163 2.45 -16.61 -21.32
N ILE B 164 2.75 -16.45 -20.03
CA ILE B 164 3.67 -15.38 -19.62
C ILE B 164 5.06 -15.65 -20.19
N SER B 165 5.50 -16.90 -20.14
CA SER B 165 6.81 -17.27 -20.64
C SER B 165 6.95 -16.94 -22.12
N SER B 166 5.93 -17.24 -22.91
CA SER B 166 6.03 -17.08 -24.35
C SER B 166 5.57 -15.73 -24.85
N TYR B 167 4.88 -14.93 -24.03
CA TYR B 167 4.35 -13.67 -24.52
C TYR B 167 5.49 -12.75 -24.94
N LYS B 168 5.39 -12.21 -26.15
CA LYS B 168 6.40 -11.27 -26.67
C LYS B 168 6.02 -9.87 -26.18
N HIS B 169 6.46 -9.55 -24.97
CA HIS B 169 6.10 -8.30 -24.33
C HIS B 169 6.69 -7.11 -25.07
N THR B 170 5.95 -6.00 -25.05
CA THR B 170 6.42 -4.77 -25.64
C THR B 170 7.01 -3.79 -24.61
N THR B 171 6.89 -4.08 -23.32
CA THR B 171 7.32 -3.12 -22.31
C THR B 171 7.48 -3.84 -20.98
N SER B 172 8.12 -3.16 -20.04
CA SER B 172 8.30 -3.68 -18.69
C SER B 172 8.70 -2.53 -17.77
N ILE B 173 8.73 -2.83 -16.46
CA ILE B 173 9.09 -1.82 -15.47
C ILE B 173 10.48 -1.26 -15.74
N PHE B 174 11.36 -2.07 -16.34
CA PHE B 174 12.71 -1.62 -16.62
C PHE B 174 12.72 -0.34 -17.45
N ASP B 175 11.70 -0.15 -18.28
CA ASP B 175 11.63 1.00 -19.16
C ASP B 175 11.53 2.32 -18.39
N ASP B 176 11.08 2.26 -17.13
CA ASP B 176 10.99 3.42 -16.26
C ASP B 176 11.95 3.33 -15.08
N PHE B 177 13.02 2.55 -15.22
CA PHE B 177 13.90 2.24 -14.09
C PHE B 177 14.43 3.51 -13.43
N ALA B 178 15.03 4.42 -14.20
CA ALA B 178 15.57 5.64 -13.61
C ALA B 178 14.50 6.39 -12.85
N HIS B 179 13.27 6.38 -13.36
CA HIS B 179 12.17 7.08 -12.71
C HIS B 179 11.97 6.54 -11.31
N TYR B 180 11.89 5.21 -11.18
CA TYR B 180 11.76 4.63 -9.85
C TYR B 180 12.97 4.97 -8.99
N GLU B 181 14.18 4.91 -9.56
CA GLU B 181 15.38 5.29 -8.81
C GLU B 181 15.19 6.65 -8.17
N LYS B 182 14.80 7.65 -8.99
CA LYS B 182 14.75 9.00 -8.48
C LYS B 182 13.68 9.11 -7.41
N ARG B 183 12.54 8.44 -7.62
CA ARG B 183 11.48 8.48 -6.63
C ARG B 183 11.99 7.99 -5.29
N GLN B 184 12.66 6.83 -5.29
CA GLN B 184 13.16 6.30 -4.03
C GLN B 184 14.00 7.37 -3.33
N ALA B 185 14.93 7.98 -4.09
CA ALA B 185 15.86 8.91 -3.46
C ALA B 185 15.10 10.08 -2.86
N VAL B 186 14.14 10.64 -3.61
CA VAL B 186 13.42 11.81 -3.11
C VAL B 186 12.71 11.46 -1.81
N VAL B 187 12.03 10.30 -1.80
CA VAL B 187 11.28 9.94 -0.61
C VAL B 187 12.21 9.92 0.59
N GLU B 188 13.40 9.36 0.40
CA GLU B 188 14.29 9.25 1.54
C GLU B 188 14.59 10.63 2.12
N VAL B 189 14.87 11.60 1.24
CA VAL B 189 15.19 12.94 1.73
C VAL B 189 13.99 13.56 2.43
N VAL B 190 12.78 13.46 1.84
CA VAL B 190 11.65 14.13 2.51
C VAL B 190 11.45 13.52 3.89
N ARG B 191 11.63 12.19 4.00
CA ARG B 191 11.41 11.57 5.28
C ARG B 191 12.46 12.04 6.27
N LYS B 192 13.70 12.16 5.82
CA LYS B 192 14.76 12.64 6.70
C LYS B 192 14.49 14.07 7.15
N GLU B 193 13.97 14.92 6.25
CA GLU B 193 13.84 16.33 6.63
C GLU B 193 12.66 16.55 7.56
N ARG B 194 11.51 15.99 7.21
CA ARG B 194 10.32 16.14 8.04
C ARG B 194 10.57 15.61 9.44
N GLN B 195 11.19 14.43 9.54
CA GLN B 195 11.57 13.88 10.85
C GLN B 195 12.48 14.84 11.61
N SER B 196 13.39 15.50 10.89
CA SER B 196 14.28 16.47 11.51
C SER B 196 13.52 17.70 11.98
N ARG B 197 12.55 18.18 11.18
CA ARG B 197 11.79 19.36 11.57
C ARG B 197 10.93 19.11 12.80
N ASN B 198 10.61 17.84 13.09
CA ASN B 198 9.79 17.46 14.24
C ASN B 198 10.63 17.17 15.48
N LYS B 199 11.66 17.96 15.73
CA LYS B 199 12.49 17.80 16.93
C LYS B 199 12.95 19.15 17.44
C11 9JT C . -8.10 7.51 -3.18
C12 9JT C . -7.19 6.63 -2.59
C13 9JT C . -6.19 7.08 -1.77
C14 9JT C . -6.09 8.43 -1.52
C15 9JT C . -7.00 9.31 -2.08
O09 9JT C . -10.23 8.30 -5.48
C08 9JT C . -10.10 7.22 -5.00
C07 9JT C . -10.96 6.02 -5.42
C06 9JT C . -11.67 6.08 -6.61
C05 9JT C . -12.46 5.02 -7.01
C04 9JT C . -12.55 3.87 -6.24
C03 9JT C . -11.84 3.80 -5.05
C02 9JT C . -11.04 4.85 -4.62
SE1 9JT C . -10.11 4.60 -2.92
N10 9JT C . -9.11 6.89 -3.98
C16 9JT C . -8.02 8.87 -2.90
C11 9JT D . 13.93 -3.26 2.18
C12 9JT D . 13.68 -1.92 1.96
C13 9JT D . 14.63 -1.11 1.37
C14 9JT D . 15.84 -1.65 0.99
C15 9JT D . 16.11 -2.99 1.21
O09 9JT D . 14.10 -4.07 4.76
C08 9JT D . 13.10 -4.43 4.22
C07 9JT D . 12.09 -5.20 5.07
C06 9JT D . 12.44 -5.37 6.40
C05 9JT D . 11.61 -6.05 7.29
C04 9JT D . 10.41 -6.55 6.84
C03 9JT D . 10.05 -6.38 5.51
C02 9JT D . 10.87 -5.71 4.61
SE1 9JT D . 10.24 -5.54 2.76
N10 9JT D . 12.90 -4.06 2.83
C16 9JT D . 15.16 -3.81 1.81
#